data_2ATG
#
_entry.id   2ATG
#
_entity_poly.entity_id   1
_entity_poly.type   'polypeptide(L)'
_entity_poly.pdbx_seq_one_letter_code
;RRICRCICGRGICRCICG
;
_entity_poly.pdbx_strand_id   A
#
# COMPACT_ATOMS: atom_id res chain seq x y z
N ARG A 1 -10.35 3.96 5.18
CA ARG A 1 -11.27 5.09 5.31
C ARG A 1 -11.54 5.79 3.97
N ARG A 2 -10.49 6.14 3.25
CA ARG A 2 -10.63 6.81 1.96
C ARG A 2 -9.27 6.95 1.28
N ILE A 3 -8.23 7.17 2.08
CA ILE A 3 -6.89 7.32 1.54
C ILE A 3 -6.20 5.96 1.42
N CYS A 4 -5.64 5.70 0.26
CA CYS A 4 -4.98 4.44 0.01
C CYS A 4 -3.70 4.65 -0.80
N ARG A 5 -2.59 4.22 -0.24
CA ARG A 5 -1.28 4.36 -0.88
C ARG A 5 -0.49 3.07 -0.78
N CYS A 6 -1.10 1.96 -1.18
CA CYS A 6 -0.43 0.67 -1.12
C CYS A 6 0.57 0.52 -2.25
N ILE A 7 1.80 0.19 -1.89
CA ILE A 7 2.87 0.00 -2.86
C ILE A 7 3.53 -1.35 -2.61
N CYS A 8 3.71 -2.12 -3.67
CA CYS A 8 4.33 -3.43 -3.56
C CYS A 8 5.05 -3.79 -4.85
N GLY A 9 6.16 -4.51 -4.71
CA GLY A 9 6.95 -4.91 -5.86
C GLY A 9 7.68 -6.21 -5.61
N ARG A 10 8.85 -6.36 -6.24
CA ARG A 10 9.65 -7.56 -6.09
C ARG A 10 10.49 -7.55 -4.81
N GLY A 11 9.84 -7.28 -3.68
CA GLY A 11 10.54 -7.25 -2.41
C GLY A 11 9.83 -6.42 -1.37
N ILE A 12 9.60 -5.16 -1.70
CA ILE A 12 8.91 -4.25 -0.80
C ILE A 12 7.41 -4.31 -1.03
N CYS A 13 6.65 -4.27 0.06
CA CYS A 13 5.20 -4.33 -0.02
C CYS A 13 4.57 -3.78 1.25
N ARG A 14 3.78 -2.75 1.10
CA ARG A 14 3.10 -2.12 2.22
C ARG A 14 1.80 -1.48 1.76
N CYS A 15 0.70 -1.94 2.32
CA CYS A 15 -0.60 -1.41 1.95
C CYS A 15 -1.07 -0.39 2.98
N ILE A 16 -1.32 0.83 2.51
CA ILE A 16 -1.79 1.90 3.35
C ILE A 16 -3.14 2.38 2.81
N CYS A 17 -4.14 1.53 2.96
CA CYS A 17 -5.48 1.83 2.46
C CYS A 17 -6.50 1.73 3.60
N GLY A 18 -7.28 2.79 3.77
CA GLY A 18 -8.26 2.79 4.84
C GLY A 18 -9.04 4.09 4.91
N ARG A 1 -9.94 5.22 5.98
CA ARG A 1 -10.61 6.53 6.06
C ARG A 1 -11.01 7.07 4.68
N ARG A 2 -10.07 7.09 3.74
CA ARG A 2 -10.34 7.60 2.40
C ARG A 2 -9.18 7.33 1.47
N ILE A 3 -7.96 7.42 2.00
CA ILE A 3 -6.77 7.20 1.19
C ILE A 3 -6.40 5.72 1.21
N CYS A 4 -6.21 5.17 0.03
CA CYS A 4 -5.85 3.77 -0.11
C CYS A 4 -4.82 3.59 -1.21
N ARG A 5 -3.59 3.30 -0.81
CA ARG A 5 -2.49 3.11 -1.74
C ARG A 5 -1.63 1.94 -1.30
N CYS A 6 -1.22 1.10 -2.25
CA CYS A 6 -0.38 -0.03 -1.92
C CYS A 6 0.94 0.06 -2.65
N ILE A 7 2.02 -0.02 -1.91
CA ILE A 7 3.35 0.04 -2.46
C ILE A 7 3.99 -1.34 -2.43
N CYS A 8 4.21 -1.90 -3.61
CA CYS A 8 4.79 -3.23 -3.71
C CYS A 8 5.72 -3.33 -4.92
N GLY A 9 6.80 -4.08 -4.76
CA GLY A 9 7.75 -4.27 -5.83
C GLY A 9 8.52 -5.57 -5.68
N ARG A 10 9.78 -5.55 -6.09
CA ARG A 10 10.63 -6.73 -6.03
C ARG A 10 11.20 -6.96 -4.62
N GLY A 11 10.34 -6.91 -3.61
CA GLY A 11 10.79 -7.14 -2.25
C GLY A 11 9.87 -6.51 -1.23
N ILE A 12 9.64 -5.22 -1.36
CA ILE A 12 8.78 -4.48 -0.44
C ILE A 12 7.34 -4.53 -0.92
N CYS A 13 6.40 -4.65 0.02
CA CYS A 13 4.99 -4.70 -0.31
C CYS A 13 4.16 -4.39 0.93
N ARG A 14 3.42 -3.28 0.87
CA ARG A 14 2.58 -2.86 1.99
C ARG A 14 1.38 -2.06 1.50
N CYS A 15 0.19 -2.49 1.89
CA CYS A 15 -1.02 -1.82 1.51
C CYS A 15 -1.43 -0.83 2.59
N ILE A 16 -1.72 0.41 2.20
CA ILE A 16 -2.14 1.44 3.13
C ILE A 16 -3.49 1.96 2.69
N CYS A 17 -4.54 1.54 3.37
CA CYS A 17 -5.89 1.95 3.02
C CYS A 17 -6.72 2.18 4.28
N GLY A 18 -7.36 3.33 4.37
CA GLY A 18 -8.17 3.64 5.51
C GLY A 18 -8.70 5.07 5.50
N ARG A 1 -7.79 5.39 5.55
CA ARG A 1 -7.51 6.72 6.10
C ARG A 1 -8.19 7.81 5.26
N ARG A 2 -8.20 7.59 3.95
CA ARG A 2 -8.82 8.51 3.00
C ARG A 2 -8.73 7.95 1.60
N ILE A 3 -7.56 7.44 1.25
CA ILE A 3 -7.31 6.85 -0.06
C ILE A 3 -6.36 5.67 0.09
N CYS A 4 -6.62 4.61 -0.68
CA CYS A 4 -5.78 3.42 -0.63
C CYS A 4 -4.37 3.75 -1.10
N ARG A 5 -3.36 3.23 -0.43
CA ARG A 5 -1.97 3.48 -0.80
C ARG A 5 -1.16 2.20 -0.76
N CYS A 6 -1.73 1.14 -1.31
CA CYS A 6 -1.08 -0.16 -1.35
C CYS A 6 -0.02 -0.18 -2.44
N ILE A 7 1.18 -0.64 -2.09
CA ILE A 7 2.29 -0.71 -3.02
C ILE A 7 3.06 -2.01 -2.82
N CYS A 8 3.55 -2.57 -3.91
CA CYS A 8 4.30 -3.82 -3.87
C CYS A 8 5.31 -3.83 -5.02
N GLY A 9 6.49 -4.39 -4.76
CA GLY A 9 7.51 -4.45 -5.77
C GLY A 9 8.61 -5.43 -5.43
N ARG A 10 9.80 -5.18 -5.94
CA ARG A 10 10.94 -6.04 -5.72
C ARG A 10 11.62 -5.74 -4.38
N GLY A 11 10.84 -5.74 -3.31
CA GLY A 11 11.41 -5.47 -2.00
C GLY A 11 10.36 -5.10 -0.96
N ILE A 12 9.58 -4.08 -1.27
CA ILE A 12 8.56 -3.63 -0.34
C ILE A 12 7.16 -3.90 -0.89
N CYS A 13 6.30 -4.41 -0.02
CA CYS A 13 4.93 -4.73 -0.35
C CYS A 13 4.03 -4.62 0.87
N ARG A 14 3.16 -3.61 0.87
CA ARG A 14 2.26 -3.39 1.98
C ARG A 14 0.99 -2.70 1.47
N CYS A 15 -0.16 -3.16 1.92
CA CYS A 15 -1.43 -2.59 1.53
C CYS A 15 -2.00 -1.78 2.68
N ILE A 16 -2.33 -0.52 2.42
CA ILE A 16 -2.88 0.36 3.43
C ILE A 16 -3.99 1.19 2.82
N CYS A 17 -5.15 1.23 3.46
CA CYS A 17 -6.27 1.99 2.95
C CYS A 17 -7.29 2.22 4.05
N GLY A 18 -8.11 3.25 3.88
CA GLY A 18 -9.14 3.54 4.86
C GLY A 18 -9.01 4.92 5.45
N ARG A 1 -9.32 6.06 5.92
CA ARG A 1 -10.75 6.09 5.74
C ARG A 1 -11.14 7.13 4.69
N ARG A 2 -10.36 7.16 3.61
CA ARG A 2 -10.58 8.10 2.52
C ARG A 2 -9.97 7.56 1.22
N ILE A 3 -8.70 7.19 1.28
CA ILE A 3 -8.00 6.66 0.11
C ILE A 3 -7.04 5.54 0.50
N CYS A 4 -6.92 4.56 -0.38
CA CYS A 4 -6.03 3.42 -0.15
C CYS A 4 -4.83 3.49 -1.09
N ARG A 5 -3.66 3.14 -0.60
CA ARG A 5 -2.45 3.16 -1.42
C ARG A 5 -1.62 1.90 -1.15
N CYS A 6 -1.49 1.05 -2.16
CA CYS A 6 -0.72 -0.17 -2.01
C CYS A 6 0.67 0.02 -2.58
N ILE A 7 1.68 -0.28 -1.77
CA ILE A 7 3.07 -0.15 -2.21
C ILE A 7 3.70 -1.52 -2.31
N CYS A 8 4.24 -1.83 -3.47
CA CYS A 8 4.89 -3.11 -3.72
C CYS A 8 5.97 -2.96 -4.78
N GLY A 9 7.02 -3.76 -4.67
CA GLY A 9 8.10 -3.70 -5.63
C GLY A 9 8.91 -4.98 -5.65
N ARG A 10 10.20 -4.86 -5.92
CA ARG A 10 11.10 -6.00 -5.99
C ARG A 10 11.52 -6.49 -4.60
N GLY A 11 10.56 -6.67 -3.71
CA GLY A 11 10.88 -7.14 -2.38
C GLY A 11 9.81 -6.78 -1.37
N ILE A 12 9.51 -5.48 -1.27
CA ILE A 12 8.51 -5.00 -0.35
C ILE A 12 7.13 -5.00 -1.00
N CYS A 13 6.12 -5.28 -0.20
CA CYS A 13 4.74 -5.33 -0.69
C CYS A 13 3.78 -5.26 0.49
N ARG A 14 3.27 -4.06 0.73
CA ARG A 14 2.34 -3.84 1.82
C ARG A 14 1.42 -2.67 1.48
N CYS A 15 0.12 -2.89 1.58
CA CYS A 15 -0.84 -1.84 1.26
C CYS A 15 -1.21 -1.04 2.51
N ILE A 16 -1.46 0.25 2.32
CA ILE A 16 -1.83 1.14 3.39
C ILE A 16 -3.09 1.90 2.99
N CYS A 17 -4.01 2.05 3.93
CA CYS A 17 -5.25 2.74 3.66
C CYS A 17 -5.91 3.23 4.93
N GLY A 18 -6.44 4.44 4.85
CA GLY A 18 -7.13 5.04 5.96
C GLY A 18 -8.62 4.94 5.77
N ARG A 1 -10.95 4.85 4.96
CA ARG A 1 -11.55 6.17 5.17
C ARG A 1 -11.24 7.15 4.02
N ARG A 2 -10.01 7.62 3.96
CA ARG A 2 -9.59 8.57 2.93
C ARG A 2 -8.22 8.24 2.36
N ILE A 3 -7.37 7.65 3.18
CA ILE A 3 -6.03 7.30 2.74
C ILE A 3 -6.04 5.92 2.10
N CYS A 4 -5.43 5.81 0.93
CA CYS A 4 -5.37 4.54 0.22
C CYS A 4 -4.11 4.46 -0.61
N ARG A 5 -3.15 3.68 -0.14
CA ARG A 5 -1.88 3.50 -0.84
C ARG A 5 -1.48 2.03 -0.81
N CYS A 6 -1.14 1.48 -1.97
CA CYS A 6 -0.74 0.09 -2.04
C CYS A 6 0.31 -0.10 -3.11
N ILE A 7 1.39 -0.77 -2.73
CA ILE A 7 2.50 -1.03 -3.62
C ILE A 7 3.23 -2.30 -3.20
N CYS A 8 3.77 -3.02 -4.16
CA CYS A 8 4.49 -4.25 -3.87
C CYS A 8 5.34 -4.66 -5.07
N GLY A 9 6.55 -5.10 -4.79
CA GLY A 9 7.45 -5.51 -5.84
C GLY A 9 8.39 -6.60 -5.38
N ARG A 10 9.61 -6.58 -5.88
CA ARG A 10 10.60 -7.58 -5.51
C ARG A 10 11.44 -7.12 -4.32
N GLY A 11 10.77 -6.66 -3.26
CA GLY A 11 11.48 -6.22 -2.08
C GLY A 11 10.63 -5.33 -1.20
N ILE A 12 10.07 -4.28 -1.78
CA ILE A 12 9.24 -3.36 -1.03
C ILE A 12 7.77 -3.64 -1.30
N CYS A 13 7.00 -3.76 -0.23
CA CYS A 13 5.57 -4.02 -0.31
C CYS A 13 4.86 -3.45 0.91
N ARG A 14 3.85 -2.63 0.64
CA ARG A 14 3.06 -2.00 1.68
C ARG A 14 1.66 -1.73 1.15
N CYS A 15 0.65 -2.00 1.95
CA CYS A 15 -0.72 -1.78 1.52
C CYS A 15 -1.55 -1.26 2.68
N ILE A 16 -2.08 -0.05 2.52
CA ILE A 16 -2.91 0.59 3.52
C ILE A 16 -4.02 1.36 2.84
N CYS A 17 -5.26 1.14 3.27
CA CYS A 17 -6.39 1.81 2.66
C CYS A 17 -7.56 1.85 3.63
N GLY A 18 -8.11 3.04 3.84
CA GLY A 18 -9.23 3.18 4.75
C GLY A 18 -9.63 4.63 4.97
N ARG A 1 -7.47 5.76 5.55
CA ARG A 1 -7.24 7.16 5.87
C ARG A 1 -8.11 8.08 4.99
N ARG A 2 -8.08 7.83 3.70
CA ARG A 2 -8.87 8.59 2.72
C ARG A 2 -9.03 7.77 1.46
N ILE A 3 -7.93 7.18 1.03
CA ILE A 3 -7.90 6.35 -0.16
C ILE A 3 -6.81 5.31 0.02
N CYS A 4 -6.97 4.16 -0.64
CA CYS A 4 -6.00 3.09 -0.53
C CYS A 4 -4.64 3.53 -1.07
N ARG A 5 -3.55 3.14 -0.41
CA ARG A 5 -2.22 3.52 -0.84
C ARG A 5 -1.30 2.31 -0.80
N CYS A 6 -1.82 1.18 -1.24
CA CYS A 6 -1.05 -0.06 -1.27
C CYS A 6 0.07 0.03 -2.31
N ILE A 7 1.23 -0.50 -1.96
CA ILE A 7 2.37 -0.47 -2.85
C ILE A 7 3.23 -1.71 -2.66
N CYS A 8 3.66 -2.28 -3.77
CA CYS A 8 4.50 -3.47 -3.76
C CYS A 8 5.46 -3.47 -4.94
N GLY A 9 6.66 -3.97 -4.72
CA GLY A 9 7.65 -4.00 -5.78
C GLY A 9 8.63 -5.15 -5.60
N ARG A 10 9.89 -4.91 -5.94
CA ARG A 10 10.92 -5.93 -5.84
C ARG A 10 11.53 -5.98 -4.43
N GLY A 11 10.68 -6.09 -3.43
CA GLY A 11 11.16 -6.15 -2.06
C GLY A 11 10.12 -5.67 -1.07
N ILE A 12 9.68 -4.45 -1.25
CA ILE A 12 8.68 -3.86 -0.36
C ILE A 12 7.28 -4.17 -0.88
N CYS A 13 6.38 -4.49 0.04
CA CYS A 13 5.00 -4.81 -0.31
C CYS A 13 4.11 -4.62 0.91
N ARG A 14 3.22 -3.63 0.83
CA ARG A 14 2.32 -3.35 1.93
C ARG A 14 1.04 -2.70 1.40
N CYS A 15 -0.09 -3.15 1.91
CA CYS A 15 -1.37 -2.62 1.50
C CYS A 15 -1.95 -1.79 2.64
N ILE A 16 -2.30 -0.55 2.37
CA ILE A 16 -2.85 0.34 3.36
C ILE A 16 -4.04 1.08 2.79
N CYS A 17 -5.13 1.16 3.54
CA CYS A 17 -6.32 1.84 3.07
C CYS A 17 -7.22 2.18 4.23
N GLY A 18 -7.85 3.35 4.18
CA GLY A 18 -8.75 3.74 5.24
C GLY A 18 -8.68 5.22 5.58
N ARG A 1 -10.05 3.67 3.43
CA ARG A 1 -11.17 4.03 2.57
C ARG A 1 -10.95 5.35 1.84
N ARG A 2 -10.76 6.42 2.61
CA ARG A 2 -10.52 7.74 2.03
C ARG A 2 -9.09 7.85 1.52
N ILE A 3 -8.15 7.35 2.30
CA ILE A 3 -6.74 7.37 1.94
C ILE A 3 -6.27 5.96 1.66
N CYS A 4 -5.56 5.77 0.56
CA CYS A 4 -5.06 4.46 0.20
C CYS A 4 -3.70 4.61 -0.47
N ARG A 5 -2.67 4.02 0.13
CA ARG A 5 -1.31 4.14 -0.42
C ARG A 5 -0.58 2.81 -0.36
N CYS A 6 -1.22 1.76 -0.86
CA CYS A 6 -0.61 0.44 -0.86
C CYS A 6 0.26 0.25 -2.09
N ILE A 7 1.49 -0.23 -1.88
CA ILE A 7 2.44 -0.46 -2.96
C ILE A 7 3.26 -1.71 -2.66
N CYS A 8 3.39 -2.56 -3.65
CA CYS A 8 4.15 -3.81 -3.51
C CYS A 8 4.78 -4.20 -4.85
N GLY A 9 5.96 -4.78 -4.78
CA GLY A 9 6.65 -5.20 -5.99
C GLY A 9 7.59 -6.36 -5.75
N ARG A 10 8.70 -6.39 -6.47
CA ARG A 10 9.69 -7.45 -6.36
C ARG A 10 10.63 -7.24 -5.17
N GLY A 11 10.06 -7.00 -4.00
CA GLY A 11 10.88 -6.80 -2.82
C GLY A 11 10.18 -5.99 -1.76
N ILE A 12 9.76 -4.79 -2.14
CA ILE A 12 9.06 -3.90 -1.24
C ILE A 12 7.56 -4.16 -1.29
N CYS A 13 6.93 -4.13 -0.12
CA CYS A 13 5.50 -4.36 -0.03
C CYS A 13 4.95 -3.76 1.26
N ARG A 14 4.06 -2.79 1.11
CA ARG A 14 3.44 -2.12 2.24
C ARG A 14 2.07 -1.62 1.84
N CYS A 15 1.06 -1.89 2.66
CA CYS A 15 -0.28 -1.48 2.35
C CYS A 15 -0.87 -0.65 3.49
N ILE A 16 -1.36 0.54 3.15
CA ILE A 16 -1.99 1.44 4.10
C ILE A 16 -3.24 1.99 3.44
N CYS A 17 -4.38 1.72 4.01
CA CYS A 17 -5.63 2.18 3.42
C CYS A 17 -6.71 2.37 4.49
N GLY A 18 -7.46 3.44 4.33
CA GLY A 18 -8.53 3.75 5.27
C GLY A 18 -9.74 4.29 4.56
N ARG A 1 -9.87 4.41 4.66
CA ARG A 1 -10.47 5.73 4.87
C ARG A 1 -10.65 6.41 3.52
N ARG A 2 -10.58 7.73 3.50
CA ARG A 2 -10.69 8.48 2.25
C ARG A 2 -9.29 8.61 1.63
N ILE A 3 -8.40 7.74 2.06
CA ILE A 3 -7.03 7.71 1.57
C ILE A 3 -6.54 6.27 1.58
N CYS A 4 -6.06 5.80 0.46
CA CYS A 4 -5.57 4.44 0.33
C CYS A 4 -4.31 4.44 -0.54
N ARG A 5 -3.22 3.92 0.01
CA ARG A 5 -1.95 3.86 -0.72
C ARG A 5 -1.30 2.50 -0.53
N CYS A 6 -1.02 1.82 -1.62
CA CYS A 6 -0.39 0.51 -1.54
C CYS A 6 0.57 0.32 -2.71
N ILE A 7 1.77 -0.17 -2.39
CA ILE A 7 2.81 -0.42 -3.40
C ILE A 7 3.60 -1.65 -3.01
N CYS A 8 3.84 -2.52 -3.97
CA CYS A 8 4.59 -3.74 -3.74
C CYS A 8 5.36 -4.14 -5.00
N GLY A 9 6.53 -4.73 -4.80
CA GLY A 9 7.35 -5.14 -5.92
C GLY A 9 8.15 -6.39 -5.62
N ARG A 10 9.35 -6.47 -6.18
CA ARG A 10 10.21 -7.62 -5.98
C ARG A 10 11.05 -7.48 -4.70
N GLY A 11 10.38 -7.20 -3.60
CA GLY A 11 11.06 -7.07 -2.33
C GLY A 11 10.29 -6.23 -1.34
N ILE A 12 9.95 -5.02 -1.74
CA ILE A 12 9.19 -4.12 -0.90
C ILE A 12 7.69 -4.32 -1.12
N CYS A 13 6.93 -4.19 -0.04
CA CYS A 13 5.48 -4.36 -0.11
C CYS A 13 4.83 -3.71 1.10
N ARG A 14 3.94 -2.77 0.84
CA ARG A 14 3.23 -2.05 1.88
C ARG A 14 1.88 -1.58 1.36
N CYS A 15 0.84 -1.76 2.16
CA CYS A 15 -0.48 -1.37 1.78
C CYS A 15 -1.20 -0.70 2.94
N ILE A 16 -1.67 0.52 2.73
CA ILE A 16 -2.36 1.28 3.74
C ILE A 16 -3.65 1.85 3.16
N CYS A 17 -4.75 1.17 3.41
CA CYS A 17 -6.04 1.59 2.91
C CYS A 17 -7.08 1.41 3.99
N GLY A 18 -7.92 2.42 4.21
CA GLY A 18 -8.94 2.29 5.24
C GLY A 18 -9.55 3.61 5.65
N ARG A 1 -9.75 4.27 4.95
CA ARG A 1 -11.14 4.35 4.48
C ARG A 1 -11.46 5.72 3.90
N ARG A 2 -10.55 6.21 3.07
CA ARG A 2 -10.69 7.50 2.41
C ARG A 2 -9.62 7.63 1.35
N ILE A 3 -8.38 7.41 1.77
CA ILE A 3 -7.24 7.45 0.89
C ILE A 3 -6.45 6.16 1.07
N CYS A 4 -6.22 5.46 -0.01
CA CYS A 4 -5.48 4.20 0.04
C CYS A 4 -4.11 4.36 -0.60
N ARG A 5 -3.10 3.77 0.02
CA ARG A 5 -1.75 3.82 -0.49
C ARG A 5 -1.11 2.44 -0.38
N CYS A 6 -0.89 1.79 -1.52
CA CYS A 6 -0.31 0.46 -1.52
C CYS A 6 0.74 0.34 -2.63
N ILE A 7 1.89 -0.21 -2.27
CA ILE A 7 3.00 -0.39 -3.20
C ILE A 7 3.56 -1.81 -3.01
N CYS A 8 4.02 -2.41 -4.10
CA CYS A 8 4.58 -3.76 -4.05
C CYS A 8 5.52 -3.96 -5.23
N GLY A 9 6.61 -4.69 -5.01
CA GLY A 9 7.56 -4.92 -6.07
C GLY A 9 8.52 -6.04 -5.79
N ARG A 10 9.80 -5.80 -6.08
CA ARG A 10 10.86 -6.78 -5.89
C ARG A 10 11.22 -7.01 -4.43
N GLY A 11 10.22 -7.22 -3.58
CA GLY A 11 10.49 -7.47 -2.17
C GLY A 11 9.75 -6.53 -1.26
N ILE A 12 9.69 -5.26 -1.63
CA ILE A 12 9.00 -4.27 -0.81
C ILE A 12 7.54 -4.21 -1.20
N CYS A 13 6.67 -4.47 -0.23
CA CYS A 13 5.24 -4.46 -0.46
C CYS A 13 4.50 -4.06 0.81
N ARG A 14 3.65 -3.06 0.68
CA ARG A 14 2.86 -2.57 1.80
C ARG A 14 1.55 -1.98 1.30
N CYS A 15 0.47 -2.27 1.99
CA CYS A 15 -0.84 -1.78 1.61
C CYS A 15 -1.52 -1.16 2.83
N ILE A 16 -1.90 0.10 2.71
CA ILE A 16 -2.54 0.84 3.79
C ILE A 16 -3.62 1.76 3.23
N CYS A 17 -4.70 1.90 3.99
CA CYS A 17 -5.80 2.77 3.60
C CYS A 17 -6.63 3.15 4.80
N GLY A 18 -6.91 4.44 4.90
CA GLY A 18 -7.70 4.95 6.02
C GLY A 18 -9.13 5.23 5.64
N ARG A 1 -10.31 4.24 3.46
CA ARG A 1 -11.32 4.99 2.71
C ARG A 1 -10.91 6.43 2.45
N ARG A 2 -10.51 7.15 3.49
CA ARG A 2 -10.08 8.54 3.38
C ARG A 2 -8.76 8.62 2.63
N ILE A 3 -7.84 7.74 3.00
CA ILE A 3 -6.52 7.68 2.38
C ILE A 3 -6.13 6.24 2.17
N CYS A 4 -5.70 5.91 0.96
CA CYS A 4 -5.32 4.54 0.65
C CYS A 4 -4.12 4.51 -0.27
N ARG A 5 -3.09 3.78 0.14
CA ARG A 5 -1.87 3.66 -0.63
C ARG A 5 -1.39 2.20 -0.57
N CYS A 6 -1.05 1.64 -1.71
CA CYS A 6 -0.60 0.26 -1.75
C CYS A 6 0.46 0.06 -2.82
N ILE A 7 1.51 -0.66 -2.45
CA ILE A 7 2.62 -0.94 -3.36
C ILE A 7 3.27 -2.25 -2.99
N CYS A 8 3.74 -2.98 -3.99
CA CYS A 8 4.40 -4.26 -3.76
C CYS A 8 5.17 -4.68 -5.01
N GLY A 9 6.31 -5.29 -4.80
CA GLY A 9 7.13 -5.73 -5.91
C GLY A 9 8.17 -6.74 -5.47
N ARG A 10 9.32 -6.73 -6.14
CA ARG A 10 10.39 -7.66 -5.84
C ARG A 10 11.25 -7.16 -4.68
N GLY A 11 10.61 -6.77 -3.58
CA GLY A 11 11.36 -6.29 -2.43
C GLY A 11 10.56 -5.39 -1.52
N ILE A 12 9.95 -4.36 -2.10
CA ILE A 12 9.17 -3.42 -1.32
C ILE A 12 7.68 -3.72 -1.44
N CYS A 13 7.03 -3.87 -0.30
CA CYS A 13 5.60 -4.15 -0.27
C CYS A 13 4.97 -3.59 1.00
N ARG A 14 4.00 -2.72 0.81
CA ARG A 14 3.26 -2.09 1.90
C ARG A 14 1.86 -1.75 1.42
N CYS A 15 0.87 -1.90 2.27
CA CYS A 15 -0.50 -1.62 1.89
C CYS A 15 -1.27 -1.00 3.06
N ILE A 16 -1.84 0.16 2.81
CA ILE A 16 -2.61 0.89 3.81
C ILE A 16 -3.83 1.51 3.14
N CYS A 17 -4.98 1.41 3.78
CA CYS A 17 -6.20 1.96 3.22
C CYS A 17 -7.25 2.14 4.32
N GLY A 18 -7.90 3.29 4.30
CA GLY A 18 -8.91 3.58 5.29
C GLY A 18 -10.00 4.48 4.74
N ARG A 1 -10.59 4.95 5.44
CA ARG A 1 -10.91 6.28 5.98
C ARG A 1 -10.81 7.38 4.92
N ARG A 2 -9.69 7.41 4.20
CA ARG A 2 -9.48 8.42 3.17
C ARG A 2 -8.21 8.11 2.37
N ILE A 3 -7.20 7.57 3.05
CA ILE A 3 -5.95 7.24 2.40
C ILE A 3 -6.02 5.83 1.82
N CYS A 4 -5.56 5.69 0.57
CA CYS A 4 -5.59 4.41 -0.11
C CYS A 4 -4.36 4.29 -1.01
N ARG A 5 -3.31 3.69 -0.47
CA ARG A 5 -2.07 3.52 -1.22
C ARG A 5 -1.48 2.13 -0.97
N CYS A 6 -1.13 1.45 -2.04
CA CYS A 6 -0.56 0.12 -1.93
C CYS A 6 0.48 -0.10 -3.02
N ILE A 7 1.65 -0.60 -2.62
CA ILE A 7 2.74 -0.86 -3.54
C ILE A 7 3.44 -2.15 -3.13
N CYS A 8 3.85 -2.94 -4.11
CA CYS A 8 4.53 -4.20 -3.84
C CYS A 8 5.38 -4.60 -5.03
N GLY A 9 6.56 -5.15 -4.75
CA GLY A 9 7.46 -5.57 -5.80
C GLY A 9 8.53 -6.51 -5.30
N ARG A 10 9.73 -6.39 -5.88
CA ARG A 10 10.84 -7.23 -5.51
C ARG A 10 11.57 -6.71 -4.27
N GLY A 11 10.82 -6.44 -3.21
CA GLY A 11 11.42 -5.95 -1.98
C GLY A 11 10.46 -5.18 -1.13
N ILE A 12 9.87 -4.14 -1.70
CA ILE A 12 8.91 -3.31 -0.98
C ILE A 12 7.51 -3.87 -1.17
N CYS A 13 6.74 -3.91 -0.10
CA CYS A 13 5.38 -4.42 -0.17
C CYS A 13 4.57 -3.93 1.04
N ARG A 14 3.67 -2.99 0.77
CA ARG A 14 2.81 -2.42 1.80
C ARG A 14 1.49 -1.99 1.18
N CYS A 15 0.41 -2.14 1.93
CA CYS A 15 -0.91 -1.76 1.45
C CYS A 15 -1.71 -1.12 2.58
N ILE A 16 -2.17 0.10 2.35
CA ILE A 16 -2.95 0.83 3.33
C ILE A 16 -4.09 1.54 2.63
N CYS A 17 -5.31 1.18 2.98
CA CYS A 17 -6.47 1.79 2.37
C CYS A 17 -7.64 1.82 3.35
N GLY A 18 -8.13 3.01 3.64
CA GLY A 18 -9.22 3.15 4.58
C GLY A 18 -9.35 4.57 5.10
N ARG A 1 -9.06 5.12 6.40
CA ARG A 1 -9.41 6.51 6.76
C ARG A 1 -9.78 7.36 5.54
N ARG A 2 -8.97 7.32 4.49
CA ARG A 2 -9.25 8.10 3.28
C ARG A 2 -8.28 7.72 2.16
N ILE A 3 -7.06 7.33 2.54
CA ILE A 3 -6.06 6.95 1.57
C ILE A 3 -6.19 5.45 1.26
N CYS A 4 -6.05 5.09 -0.01
CA CYS A 4 -6.18 3.70 -0.41
C CYS A 4 -5.26 3.42 -1.60
N ARG A 5 -4.00 3.16 -1.31
CA ARG A 5 -3.03 2.89 -2.35
C ARG A 5 -2.11 1.73 -1.94
N CYS A 6 -2.04 0.71 -2.77
CA CYS A 6 -1.18 -0.42 -2.48
C CYS A 6 0.18 -0.24 -3.16
N ILE A 7 1.24 -0.45 -2.41
CA ILE A 7 2.58 -0.33 -2.94
C ILE A 7 3.26 -1.69 -2.89
N CYS A 8 4.03 -1.99 -3.92
CA CYS A 8 4.71 -3.27 -4.00
C CYS A 8 5.92 -3.16 -4.91
N GLY A 9 6.99 -3.86 -4.56
CA GLY A 9 8.19 -3.82 -5.37
C GLY A 9 9.01 -5.08 -5.21
N ARG A 10 10.32 -4.96 -5.28
CA ARG A 10 11.19 -6.11 -5.14
C ARG A 10 11.60 -6.32 -3.68
N GLY A 11 10.60 -6.37 -2.80
CA GLY A 11 10.88 -6.59 -1.40
C GLY A 11 9.77 -6.10 -0.49
N ILE A 12 9.38 -4.85 -0.66
CA ILE A 12 8.32 -4.28 0.15
C ILE A 12 7.01 -4.21 -0.63
N CYS A 13 5.96 -4.72 -0.01
CA CYS A 13 4.63 -4.74 -0.60
C CYS A 13 3.57 -4.68 0.50
N ARG A 14 2.85 -3.57 0.55
CA ARG A 14 1.82 -3.37 1.55
C ARG A 14 0.75 -2.41 1.03
N CYS A 15 -0.51 -2.71 1.34
CA CYS A 15 -1.60 -1.89 0.93
C CYS A 15 -1.85 -0.79 1.94
N ILE A 16 -1.84 0.46 1.49
CA ILE A 16 -2.07 1.58 2.37
C ILE A 16 -3.49 2.09 2.16
N CYS A 17 -4.44 1.40 2.77
CA CYS A 17 -5.83 1.77 2.62
C CYS A 17 -6.51 1.90 3.99
N GLY A 18 -7.08 3.06 4.24
CA GLY A 18 -7.75 3.31 5.50
C GLY A 18 -7.93 4.79 5.76
N ARG A 1 -8.75 6.33 6.43
CA ARG A 1 -9.83 7.31 6.27
C ARG A 1 -10.72 7.03 5.07
N ARG A 2 -10.12 6.79 3.90
CA ARG A 2 -10.86 6.50 2.68
C ARG A 2 -9.90 6.25 1.51
N ILE A 3 -8.75 6.91 1.54
CA ILE A 3 -7.78 6.77 0.47
C ILE A 3 -6.85 5.60 0.71
N CYS A 4 -6.79 4.70 -0.25
CA CYS A 4 -5.93 3.53 -0.16
C CYS A 4 -4.76 3.67 -1.15
N ARG A 5 -3.57 3.27 -0.71
CA ARG A 5 -2.37 3.32 -1.53
C ARG A 5 -1.59 2.04 -1.36
N CYS A 6 -1.63 1.19 -2.38
CA CYS A 6 -0.92 -0.08 -2.31
C CYS A 6 0.54 0.09 -2.74
N ILE A 7 1.44 -0.40 -1.91
CA ILE A 7 2.87 -0.32 -2.19
C ILE A 7 3.42 -1.71 -2.45
N CYS A 8 4.23 -1.83 -3.48
CA CYS A 8 4.82 -3.12 -3.83
C CYS A 8 5.98 -2.92 -4.80
N GLY A 9 7.01 -3.75 -4.65
CA GLY A 9 8.17 -3.65 -5.50
C GLY A 9 9.08 -4.86 -5.37
N ARG A 10 10.38 -4.63 -5.52
CA ARG A 10 11.36 -5.70 -5.44
C ARG A 10 11.70 -6.09 -3.99
N GLY A 11 10.67 -6.31 -3.19
CA GLY A 11 10.89 -6.69 -1.81
C GLY A 11 9.70 -6.39 -0.92
N ILE A 12 9.29 -5.14 -0.92
CA ILE A 12 8.15 -4.71 -0.12
C ILE A 12 6.88 -4.86 -0.94
N CYS A 13 5.81 -5.33 -0.29
CA CYS A 13 4.54 -5.51 -0.96
C CYS A 13 3.42 -5.59 0.07
N ARG A 14 2.89 -4.42 0.42
CA ARG A 14 1.80 -4.33 1.39
C ARG A 14 0.99 -3.07 1.09
N CYS A 15 -0.33 -3.23 1.00
CA CYS A 15 -1.18 -2.10 0.72
C CYS A 15 -1.48 -1.30 1.99
N ILE A 16 -1.60 0.00 1.84
CA ILE A 16 -1.90 0.89 2.93
C ILE A 16 -3.18 1.66 2.63
N CYS A 17 -3.92 2.02 3.67
CA CYS A 17 -5.16 2.75 3.49
C CYS A 17 -5.63 3.33 4.81
N GLY A 18 -6.21 4.51 4.75
CA GLY A 18 -6.70 5.17 5.93
C GLY A 18 -7.71 6.26 5.61
N ARG A 1 -10.57 5.34 5.41
CA ARG A 1 -11.81 6.02 5.06
C ARG A 1 -11.74 6.69 3.69
N ARG A 2 -10.56 7.14 3.28
CA ARG A 2 -10.40 7.79 1.99
C ARG A 2 -8.96 7.73 1.51
N ILE A 3 -8.01 7.74 2.43
CA ILE A 3 -6.61 7.68 2.06
C ILE A 3 -6.17 6.23 1.98
N CYS A 4 -5.72 5.83 0.81
CA CYS A 4 -5.28 4.46 0.59
C CYS A 4 -4.06 4.44 -0.34
N ARG A 5 -2.99 3.84 0.14
CA ARG A 5 -1.77 3.74 -0.64
C ARG A 5 -1.14 2.36 -0.49
N CYS A 6 -1.05 1.64 -1.58
CA CYS A 6 -0.48 0.30 -1.57
C CYS A 6 0.47 0.12 -2.75
N ILE A 7 1.58 -0.55 -2.50
CA ILE A 7 2.60 -0.80 -3.52
C ILE A 7 3.34 -2.09 -3.21
N CYS A 8 3.76 -2.78 -4.24
CA CYS A 8 4.48 -4.04 -4.08
C CYS A 8 5.36 -4.30 -5.29
N GLY A 9 6.56 -4.81 -5.03
CA GLY A 9 7.48 -5.09 -6.10
C GLY A 9 8.20 -6.40 -5.89
N ARG A 10 9.51 -6.38 -5.94
CA ARG A 10 10.31 -7.57 -5.75
C ARG A 10 11.26 -7.38 -4.58
N GLY A 11 10.71 -6.92 -3.47
CA GLY A 11 11.50 -6.70 -2.28
C GLY A 11 10.74 -5.89 -1.26
N ILE A 12 10.13 -4.80 -1.72
CA ILE A 12 9.35 -3.94 -0.85
C ILE A 12 7.88 -4.01 -1.24
N CYS A 13 7.03 -4.20 -0.24
CA CYS A 13 5.59 -4.29 -0.44
C CYS A 13 4.86 -3.85 0.82
N ARG A 14 3.93 -2.93 0.66
CA ARG A 14 3.15 -2.40 1.77
C ARG A 14 1.77 -1.96 1.28
N CYS A 15 0.77 -2.07 2.14
CA CYS A 15 -0.58 -1.70 1.76
C CYS A 15 -1.27 -1.00 2.93
N ILE A 16 -1.83 0.17 2.65
CA ILE A 16 -2.53 0.97 3.63
C ILE A 16 -3.78 1.54 2.98
N CYS A 17 -4.90 1.50 3.70
CA CYS A 17 -6.15 2.00 3.18
C CYS A 17 -7.10 2.29 4.34
N GLY A 18 -7.93 3.31 4.19
CA GLY A 18 -8.84 3.66 5.26
C GLY A 18 -10.14 4.26 4.76
N ARG A 1 -10.38 4.47 5.43
CA ARG A 1 -11.37 5.53 5.21
C ARG A 1 -11.38 5.96 3.74
N ARG A 2 -10.83 7.13 3.45
CA ARG A 2 -10.81 7.65 2.08
C ARG A 2 -9.44 7.45 1.42
N ILE A 3 -8.39 7.35 2.22
CA ILE A 3 -7.05 7.18 1.68
C ILE A 3 -6.74 5.70 1.46
N CYS A 4 -6.08 5.39 0.35
CA CYS A 4 -5.74 4.02 0.02
C CYS A 4 -4.58 4.01 -0.98
N ARG A 5 -3.39 3.70 -0.48
CA ARG A 5 -2.19 3.64 -1.31
C ARG A 5 -1.37 2.43 -0.93
N CYS A 6 -0.96 1.65 -1.91
CA CYS A 6 -0.16 0.47 -1.63
C CYS A 6 1.02 0.40 -2.58
N ILE A 7 2.21 0.17 -2.02
CA ILE A 7 3.41 0.07 -2.81
C ILE A 7 4.01 -1.31 -2.65
N CYS A 8 4.25 -1.97 -3.77
CA CYS A 8 4.79 -3.32 -3.76
C CYS A 8 5.65 -3.56 -5.00
N GLY A 9 6.70 -4.33 -4.85
CA GLY A 9 7.58 -4.62 -5.96
C GLY A 9 8.27 -5.97 -5.81
N ARG A 10 9.54 -6.04 -6.20
CA ARG A 10 10.30 -7.27 -6.12
C ARG A 10 10.90 -7.48 -4.73
N GLY A 11 10.07 -7.40 -3.70
CA GLY A 11 10.54 -7.61 -2.35
C GLY A 11 9.76 -6.82 -1.33
N ILE A 12 9.63 -5.52 -1.58
CA ILE A 12 8.90 -4.64 -0.68
C ILE A 12 7.43 -4.61 -1.05
N CYS A 13 6.57 -4.59 -0.04
CA CYS A 13 5.13 -4.57 -0.26
C CYS A 13 4.43 -4.08 1.00
N ARG A 14 3.67 -3.01 0.87
CA ARG A 14 2.96 -2.44 2.01
C ARG A 14 1.71 -1.70 1.56
N CYS A 15 0.58 -2.06 2.14
CA CYS A 15 -0.69 -1.44 1.84
C CYS A 15 -1.06 -0.43 2.92
N ILE A 16 -1.49 0.76 2.50
CA ILE A 16 -1.87 1.81 3.41
C ILE A 16 -3.22 2.37 3.00
N CYS A 17 -4.27 1.71 3.47
CA CYS A 17 -5.62 2.09 3.13
C CYS A 17 -6.50 2.19 4.37
N GLY A 18 -7.29 3.26 4.43
CA GLY A 18 -8.17 3.48 5.54
C GLY A 18 -9.07 4.67 5.29
N ARG A 1 -10.63 4.95 5.59
CA ARG A 1 -11.13 6.29 5.90
C ARG A 1 -11.21 7.19 4.66
N ARG A 2 -10.13 7.28 3.91
CA ARG A 2 -10.09 8.11 2.71
C ARG A 2 -8.78 7.90 1.96
N ILE A 3 -7.70 7.71 2.70
CA ILE A 3 -6.40 7.51 2.10
C ILE A 3 -6.16 6.03 1.82
N CYS A 4 -5.78 5.72 0.59
CA CYS A 4 -5.52 4.36 0.18
C CYS A 4 -4.31 4.33 -0.75
N ARG A 5 -3.24 3.71 -0.28
CA ARG A 5 -2.01 3.59 -1.05
C ARG A 5 -1.40 2.20 -0.87
N CYS A 6 -1.12 1.54 -1.98
CA CYS A 6 -0.53 0.20 -1.94
C CYS A 6 0.42 0.00 -3.10
N ILE A 7 1.64 -0.44 -2.78
CA ILE A 7 2.67 -0.68 -3.79
C ILE A 7 3.55 -1.83 -3.34
N CYS A 8 3.86 -2.74 -4.24
CA CYS A 8 4.68 -3.89 -3.93
C CYS A 8 5.56 -4.27 -5.12
N GLY A 9 6.76 -4.75 -4.83
CA GLY A 9 7.68 -5.14 -5.89
C GLY A 9 8.54 -6.31 -5.49
N ARG A 10 9.78 -6.33 -5.97
CA ARG A 10 10.71 -7.39 -5.67
C ARG A 10 11.43 -7.19 -4.34
N GLY A 11 10.66 -6.93 -3.29
CA GLY A 11 11.25 -6.74 -1.98
C GLY A 11 10.37 -5.91 -1.07
N ILE A 12 10.03 -4.71 -1.51
CA ILE A 12 9.19 -3.83 -0.74
C ILE A 12 7.72 -4.07 -1.08
N CYS A 13 6.89 -4.12 -0.05
CA CYS A 13 5.47 -4.35 -0.23
C CYS A 13 4.69 -3.81 0.97
N ARG A 14 3.78 -2.89 0.69
CA ARG A 14 2.96 -2.28 1.73
C ARG A 14 1.62 -1.87 1.14
N CYS A 15 0.57 -2.04 1.92
CA CYS A 15 -0.77 -1.69 1.48
C CYS A 15 -1.55 -1.08 2.63
N ILE A 16 -2.00 0.15 2.44
CA ILE A 16 -2.77 0.86 3.46
C ILE A 16 -3.96 1.53 2.78
N CYS A 17 -5.14 1.25 3.28
CA CYS A 17 -6.35 1.83 2.72
C CYS A 17 -7.44 1.89 3.78
N GLY A 18 -8.00 3.08 3.99
CA GLY A 18 -9.03 3.24 4.98
C GLY A 18 -9.35 4.69 5.26
N ARG A 1 -9.11 4.85 6.36
CA ARG A 1 -9.63 6.18 6.71
C ARG A 1 -10.05 7.01 5.48
N ARG A 2 -9.16 7.12 4.50
CA ARG A 2 -9.45 7.89 3.29
C ARG A 2 -8.44 7.60 2.19
N ILE A 3 -7.20 7.33 2.59
CA ILE A 3 -6.15 7.03 1.62
C ILE A 3 -6.16 5.55 1.30
N CYS A 4 -6.00 5.22 0.01
CA CYS A 4 -6.01 3.84 -0.42
C CYS A 4 -5.05 3.65 -1.59
N ARG A 5 -3.80 3.34 -1.29
CA ARG A 5 -2.80 3.13 -2.33
C ARG A 5 -1.94 1.92 -1.99
N CYS A 6 -1.89 0.95 -2.87
CA CYS A 6 -1.09 -0.24 -2.63
C CYS A 6 0.31 -0.06 -3.19
N ILE A 7 1.30 -0.39 -2.38
CA ILE A 7 2.69 -0.29 -2.77
C ILE A 7 3.30 -1.69 -2.75
N CYS A 8 4.05 -2.02 -3.79
CA CYS A 8 4.67 -3.33 -3.87
C CYS A 8 5.81 -3.32 -4.88
N GLY A 9 6.85 -4.08 -4.59
CA GLY A 9 8.00 -4.14 -5.48
C GLY A 9 8.90 -5.31 -5.14
N ARG A 10 10.20 -5.12 -5.34
CA ARG A 10 11.18 -6.16 -5.07
C ARG A 10 11.55 -6.23 -3.59
N GLY A 11 10.56 -6.29 -2.73
CA GLY A 11 10.81 -6.37 -1.30
C GLY A 11 9.65 -5.88 -0.47
N ILE A 12 9.22 -4.66 -0.73
CA ILE A 12 8.11 -4.07 -0.01
C ILE A 12 6.81 -4.39 -0.72
N CYS A 13 5.77 -4.71 0.04
CA CYS A 13 4.47 -5.05 -0.53
C CYS A 13 3.39 -4.92 0.53
N ARG A 14 2.80 -3.73 0.63
CA ARG A 14 1.76 -3.45 1.61
C ARG A 14 0.81 -2.39 1.08
N CYS A 15 -0.48 -2.63 1.23
CA CYS A 15 -1.49 -1.70 0.80
C CYS A 15 -1.73 -0.63 1.85
N ILE A 16 -1.64 0.63 1.44
CA ILE A 16 -1.87 1.74 2.33
C ILE A 16 -3.30 2.22 2.14
N CYS A 17 -4.22 1.48 2.71
CA CYS A 17 -5.63 1.79 2.59
C CYS A 17 -6.30 1.87 3.94
N GLY A 18 -6.92 3.01 4.23
CA GLY A 18 -7.58 3.19 5.50
C GLY A 18 -7.94 4.65 5.75
N ARG A 1 -10.83 4.79 4.53
CA ARG A 1 -11.39 6.13 4.45
C ARG A 1 -10.73 6.92 3.31
N ARG A 2 -10.19 8.09 3.62
CA ARG A 2 -9.55 8.94 2.62
C ARG A 2 -8.19 8.39 2.18
N ILE A 3 -7.53 7.67 3.07
CA ILE A 3 -6.23 7.11 2.76
C ILE A 3 -6.35 5.73 2.13
N CYS A 4 -5.62 5.51 1.04
CA CYS A 4 -5.65 4.23 0.35
C CYS A 4 -4.50 4.14 -0.64
N ARG A 5 -3.37 3.60 -0.17
CA ARG A 5 -2.20 3.45 -1.00
C ARG A 5 -1.53 2.11 -0.75
N CYS A 6 -1.26 1.37 -1.82
CA CYS A 6 -0.61 0.08 -1.70
C CYS A 6 0.36 -0.14 -2.85
N ILE A 7 1.58 -0.56 -2.50
CA ILE A 7 2.65 -0.80 -3.46
C ILE A 7 3.35 -2.10 -3.11
N CYS A 8 3.79 -2.84 -4.10
CA CYS A 8 4.48 -4.10 -3.87
C CYS A 8 5.32 -4.47 -5.09
N GLY A 9 6.50 -5.01 -4.84
CA GLY A 9 7.38 -5.39 -5.92
C GLY A 9 8.36 -6.48 -5.52
N ARG A 10 9.55 -6.44 -6.09
CA ARG A 10 10.56 -7.43 -5.80
C ARG A 10 11.34 -7.10 -4.52
N GLY A 11 10.62 -6.81 -3.44
CA GLY A 11 11.29 -6.51 -2.20
C GLY A 11 10.48 -5.60 -1.29
N ILE A 12 10.03 -4.47 -1.82
CA ILE A 12 9.25 -3.54 -1.05
C ILE A 12 7.76 -3.73 -1.30
N CYS A 13 7.02 -3.88 -0.23
CA CYS A 13 5.58 -4.07 -0.30
C CYS A 13 4.90 -3.53 0.95
N ARG A 14 3.92 -2.66 0.74
CA ARG A 14 3.16 -2.03 1.82
C ARG A 14 1.76 -1.72 1.31
N CYS A 15 0.76 -1.91 2.15
CA CYS A 15 -0.61 -1.66 1.77
C CYS A 15 -1.37 -1.03 2.93
N ILE A 16 -1.93 0.14 2.69
CA ILE A 16 -2.69 0.86 3.69
C ILE A 16 -3.90 1.49 3.03
N CYS A 17 -5.08 1.14 3.50
CA CYS A 17 -6.29 1.68 2.92
C CYS A 17 -7.40 1.75 3.96
N GLY A 18 -8.07 2.89 4.02
CA GLY A 18 -9.13 3.11 4.95
C GLY A 18 -9.57 4.56 4.92
N ARG A 1 -10.70 4.55 5.05
CA ARG A 1 -11.84 5.41 4.79
C ARG A 1 -11.48 6.62 3.93
N ARG A 2 -10.23 7.07 4.01
CA ARG A 2 -9.79 8.24 3.25
C ARG A 2 -8.48 7.98 2.53
N ILE A 3 -7.54 7.35 3.24
CA ILE A 3 -6.24 7.05 2.66
C ILE A 3 -6.29 5.70 1.97
N CYS A 4 -5.65 5.60 0.82
CA CYS A 4 -5.62 4.35 0.08
C CYS A 4 -4.44 4.36 -0.89
N ARG A 5 -3.30 3.93 -0.40
CA ARG A 5 -2.08 3.87 -1.19
C ARG A 5 -1.35 2.58 -0.90
N CYS A 6 -1.06 1.81 -1.93
CA CYS A 6 -0.37 0.54 -1.77
C CYS A 6 0.62 0.31 -2.91
N ILE A 7 1.84 -0.07 -2.55
CA ILE A 7 2.89 -0.33 -3.52
C ILE A 7 3.69 -1.55 -3.07
N CYS A 8 3.92 -2.47 -3.99
CA CYS A 8 4.66 -3.69 -3.70
C CYS A 8 5.40 -4.17 -4.94
N GLY A 9 6.53 -4.83 -4.73
CA GLY A 9 7.32 -5.32 -5.84
C GLY A 9 8.08 -6.58 -5.47
N ARG A 10 9.25 -6.76 -6.08
CA ARG A 10 10.07 -7.93 -5.82
C ARG A 10 10.92 -7.77 -4.57
N GLY A 11 10.30 -7.35 -3.47
CA GLY A 11 11.02 -7.19 -2.22
C GLY A 11 10.29 -6.30 -1.25
N ILE A 12 9.98 -5.08 -1.68
CA ILE A 12 9.28 -4.13 -0.83
C ILE A 12 7.77 -4.29 -1.03
N CYS A 13 7.01 -4.00 0.02
CA CYS A 13 5.56 -4.10 -0.05
C CYS A 13 4.92 -3.34 1.11
N ARG A 14 4.01 -2.43 0.77
CA ARG A 14 3.32 -1.64 1.76
C ARG A 14 1.94 -1.26 1.25
N CYS A 15 0.92 -1.49 2.05
CA CYS A 15 -0.43 -1.18 1.66
C CYS A 15 -1.17 -0.48 2.80
N ILE A 16 -1.68 0.71 2.52
CA ILE A 16 -2.41 1.49 3.49
C ILE A 16 -3.68 2.03 2.86
N CYS A 17 -4.81 1.44 3.21
CA CYS A 17 -6.09 1.86 2.67
C CYS A 17 -7.16 1.79 3.74
N GLY A 18 -8.12 2.69 3.67
CA GLY A 18 -9.17 2.73 4.65
C GLY A 18 -10.35 3.57 4.22
N ARG A 1 -9.64 4.32 4.69
CA ARG A 1 -11.02 4.30 4.20
C ARG A 1 -11.17 5.33 3.09
N ARG A 2 -10.77 6.56 3.38
CA ARG A 2 -10.86 7.65 2.41
C ARG A 2 -9.65 7.63 1.47
N ILE A 3 -8.46 7.54 2.08
CA ILE A 3 -7.23 7.49 1.30
C ILE A 3 -6.60 6.12 1.44
N CYS A 4 -6.24 5.53 0.32
CA CYS A 4 -5.65 4.21 0.30
C CYS A 4 -4.63 4.10 -0.83
N ARG A 5 -3.39 3.76 -0.49
CA ARG A 5 -2.33 3.63 -1.47
C ARG A 5 -1.47 2.39 -1.19
N CYS A 6 -1.41 1.49 -2.15
CA CYS A 6 -0.62 0.28 -2.00
C CYS A 6 0.71 0.41 -2.72
N ILE A 7 1.79 0.03 -2.05
CA ILE A 7 3.13 0.09 -2.65
C ILE A 7 3.78 -1.28 -2.52
N CYS A 8 4.17 -1.84 -3.65
CA CYS A 8 4.80 -3.16 -3.68
C CYS A 8 5.74 -3.28 -4.86
N GLY A 9 6.77 -4.10 -4.71
CA GLY A 9 7.73 -4.31 -5.77
C GLY A 9 8.31 -5.71 -5.73
N ARG A 10 9.58 -5.84 -6.10
CA ARG A 10 10.25 -7.13 -6.11
C ARG A 10 10.82 -7.50 -4.74
N GLY A 11 9.99 -7.41 -3.71
CA GLY A 11 10.44 -7.75 -2.37
C GLY A 11 9.61 -7.07 -1.31
N ILE A 12 9.51 -5.75 -1.43
CA ILE A 12 8.74 -4.96 -0.49
C ILE A 12 7.29 -4.87 -0.96
N CYS A 13 6.36 -4.92 0.00
CA CYS A 13 4.95 -4.85 -0.29
C CYS A 13 4.18 -4.44 0.95
N ARG A 14 3.62 -3.24 0.91
CA ARG A 14 2.85 -2.70 2.02
C ARG A 14 1.84 -1.70 1.49
N CYS A 15 0.61 -1.78 1.98
CA CYS A 15 -0.43 -0.88 1.53
C CYS A 15 -0.95 -0.04 2.68
N ILE A 16 -1.07 1.26 2.45
CA ILE A 16 -1.60 2.17 3.44
C ILE A 16 -3.02 2.52 3.06
N CYS A 17 -3.98 2.04 3.82
CA CYS A 17 -5.37 2.29 3.53
C CYS A 17 -6.18 2.43 4.81
N GLY A 18 -6.94 3.51 4.89
CA GLY A 18 -7.77 3.74 6.06
C GLY A 18 -9.24 3.60 5.72
#